data_9GNG
#
_entry.id   9GNG
#
_cell.length_a   99.426
_cell.length_b   58.354
_cell.length_c   66.822
_cell.angle_alpha   90.000
_cell.angle_beta   98.170
_cell.angle_gamma   90.000
#
_symmetry.space_group_name_H-M   'C 1 2 1'
#
loop_
_entity.id
_entity.type
_entity.pdbx_description
1 polymer 'Isoform Mt-VDAC1 of Non-selective voltage-gated ion channel VDAC1'
2 non-polymer (4S)-2-METHYL-2,4-PENTANEDIOL
3 non-polymer 1,2-DIMYRISTOYL-SN-GLYCERO-3-PHOSPHOCHOLINE
4 water water
#
_entity_poly.entity_id   1
_entity_poly.type   'polypeptide(L)'
_entity_poly.pdbx_seq_one_letter_code
;MRGSHHHHHHGSMAVPPTYADLGKSARDVFTKGYGFGLIKLDLKTKSENGLEFTSSGSANTETTKVNGSLETKYRWTEYG
LTFTEKWNTDNTLGTEITVEDQLARGLKLTFDSSFSPNTGKKNAKIKTGYKREHINLGCDVDFDIAGPSIRGALVLGYEG
WLAGYQMNFETSKSRVTQSNFAVGYKTDEFQLHTNVNDGTEFGGSIYQKVNKKLETAVNLAWTAGNSNTRFGIAAKYQVD
PDACFSAKVNNSSLIGLGYTQTLKPGIKLTLSALLDGKNVNAGGHKLGLGLEFQA
;
_entity_poly.pdbx_strand_id   X
#
loop_
_chem_comp.id
_chem_comp.type
_chem_comp.name
_chem_comp.formula
MPD non-polymer (4S)-2-METHYL-2,4-PENTANEDIOL 'C6 H14 O2'
PX4 non-polymer 1,2-DIMYRISTOYL-SN-GLYCERO-3-PHOSPHOCHOLINE 'C36 H73 N O8 P 1'
#
# COMPACT_ATOMS: atom_id res chain seq x y z
N MET A 13 8.43 -16.80 5.87
CA MET A 13 9.92 -16.88 5.77
C MET A 13 10.28 -17.56 4.45
N ALA A 14 10.15 -18.89 4.42
CA ALA A 14 10.04 -19.63 3.17
C ALA A 14 8.67 -19.36 2.53
N VAL A 15 7.75 -18.78 3.28
CA VAL A 15 6.46 -18.43 2.75
C VAL A 15 6.62 -17.12 2.00
N PRO A 16 6.41 -17.11 0.68
CA PRO A 16 6.52 -15.88 -0.12
C PRO A 16 5.47 -14.82 0.16
N PRO A 17 5.73 -13.55 -0.20
CA PRO A 17 4.70 -12.53 -0.16
C PRO A 17 3.59 -12.90 -1.12
N THR A 18 2.47 -12.19 -0.99
CA THR A 18 1.42 -12.13 -1.98
C THR A 18 1.98 -11.41 -3.22
N TYR A 19 1.25 -11.50 -4.34
CA TYR A 19 1.73 -10.87 -5.57
C TYR A 19 1.82 -9.33 -5.42
N ALA A 20 0.81 -8.72 -4.79
CA ALA A 20 0.77 -7.27 -4.68
C ALA A 20 1.92 -6.77 -3.78
N ASP A 21 2.39 -7.62 -2.84
CA ASP A 21 3.45 -7.22 -1.91
C ASP A 21 4.82 -7.37 -2.55
N LEU A 22 4.89 -7.90 -3.77
CA LEU A 22 6.18 -7.96 -4.44
C LEU A 22 6.60 -6.52 -4.71
N GLY A 23 7.73 -6.14 -4.12
CA GLY A 23 8.30 -4.83 -4.31
C GLY A 23 7.84 -3.85 -3.25
N LYS A 24 7.30 -4.37 -2.14
CA LYS A 24 6.60 -3.47 -1.23
C LYS A 24 7.61 -2.55 -0.51
N SER A 25 8.66 -3.15 0.05
CA SER A 25 9.68 -2.46 0.80
C SER A 25 10.20 -1.23 0.07
N ALA A 26 10.50 -1.38 -1.24
CA ALA A 26 11.04 -0.28 -2.04
C ALA A 26 9.99 0.79 -2.23
N ARG A 27 8.75 0.35 -2.52
CA ARG A 27 7.62 1.27 -2.61
C ARG A 27 7.49 2.05 -1.29
N ASP A 28 7.78 1.38 -0.16
CA ASP A 28 7.59 1.99 1.14
C ASP A 28 8.54 3.16 1.33
N VAL A 29 9.79 2.97 0.92
CA VAL A 29 10.80 4.01 1.02
C VAL A 29 10.28 5.27 0.32
N PHE A 30 9.67 5.08 -0.86
CA PHE A 30 9.23 6.22 -1.65
C PHE A 30 8.02 6.91 -1.03
N THR A 31 7.09 6.17 -0.39
CA THR A 31 5.77 6.70 -0.08
C THR A 31 5.63 7.13 1.39
N LYS A 32 6.13 6.33 2.32
N LYS A 32 6.14 6.33 2.32
CA LYS A 32 6.05 6.64 3.73
CA LYS A 32 6.04 6.66 3.73
C LYS A 32 6.81 7.93 4.04
C LYS A 32 6.81 7.93 4.04
N GLY A 33 6.33 8.66 5.05
CA GLY A 33 7.00 9.85 5.55
C GLY A 33 6.78 11.06 4.64
N TYR A 34 5.90 10.91 3.66
CA TYR A 34 5.53 12.00 2.78
C TYR A 34 4.01 12.09 2.73
N GLY A 35 3.51 13.33 2.83
CA GLY A 35 2.13 13.62 2.49
C GLY A 35 2.02 15.03 1.92
N PHE A 36 2.43 15.18 0.67
CA PHE A 36 2.55 16.49 0.06
C PHE A 36 1.16 17.04 -0.20
N GLY A 37 0.93 18.29 0.23
CA GLY A 37 -0.26 19.03 -0.14
C GLY A 37 -1.46 18.62 0.69
N LEU A 38 -1.20 17.99 1.85
CA LEU A 38 -2.24 17.54 2.76
C LEU A 38 -1.89 17.96 4.18
N ILE A 39 -2.94 18.27 4.95
CA ILE A 39 -2.84 18.24 6.39
C ILE A 39 -3.60 17.00 6.83
N LYS A 40 -2.92 16.14 7.60
CA LYS A 40 -3.49 14.85 7.93
C LYS A 40 -3.57 14.72 9.44
N LEU A 41 -4.73 14.27 9.90
CA LEU A 41 -4.96 14.04 11.32
C LEU A 41 -5.37 12.59 11.47
N ASP A 42 -4.61 11.84 12.26
CA ASP A 42 -4.86 10.43 12.45
C ASP A 42 -4.79 10.09 13.93
N LEU A 43 -5.66 9.15 14.29
CA LEU A 43 -5.97 8.83 15.66
C LEU A 43 -6.27 7.34 15.75
N LYS A 44 -5.40 6.59 16.45
CA LYS A 44 -5.44 5.14 16.44
C LYS A 44 -5.43 4.62 17.88
N THR A 45 -6.14 3.52 18.09
CA THR A 45 -5.89 2.64 19.21
C THR A 45 -5.37 1.29 18.72
N LYS A 46 -4.85 0.53 19.68
CA LYS A 46 -4.41 -0.84 19.43
C LYS A 46 -5.11 -1.73 20.43
N SER A 47 -5.36 -2.96 19.99
CA SER A 47 -5.63 -4.06 20.89
C SER A 47 -5.26 -5.36 20.17
N GLU A 48 -4.43 -6.18 20.82
CA GLU A 48 -3.95 -7.43 20.27
C GLU A 48 -5.16 -8.23 19.78
N ASN A 49 -6.21 -8.25 20.62
CA ASN A 49 -7.54 -8.57 20.16
C ASN A 49 -8.56 -7.75 20.94
N GLY A 50 -9.82 -7.85 20.54
CA GLY A 50 -10.83 -6.91 20.98
C GLY A 50 -10.88 -5.70 20.05
N LEU A 51 -11.26 -4.55 20.62
CA LEU A 51 -11.63 -3.44 19.76
C LEU A 51 -10.41 -2.59 19.46
N GLU A 52 -10.42 -2.07 18.25
CA GLU A 52 -9.38 -1.24 17.68
C GLU A 52 -10.12 -0.15 16.91
N PHE A 53 -9.66 1.11 16.99
CA PHE A 53 -10.30 2.14 16.18
C PHE A 53 -9.22 3.00 15.52
N THR A 54 -9.53 3.42 14.29
CA THR A 54 -8.69 4.33 13.55
C THR A 54 -9.61 5.41 13.01
N SER A 55 -9.28 6.67 13.25
CA SER A 55 -10.06 7.71 12.62
C SER A 55 -9.11 8.67 11.94
N SER A 56 -9.58 9.23 10.83
CA SER A 56 -8.69 10.00 9.98
C SER A 56 -9.43 11.17 9.36
N GLY A 57 -8.70 12.27 9.28
CA GLY A 57 -9.18 13.47 8.62
C GLY A 57 -8.06 14.10 7.80
N SER A 58 -8.46 14.67 6.68
CA SER A 58 -7.53 15.06 5.65
C SER A 58 -8.05 16.33 4.96
N ALA A 59 -7.17 17.31 4.88
CA ALA A 59 -7.51 18.55 4.19
C ALA A 59 -6.55 18.73 3.03
N ASN A 60 -7.14 18.82 1.84
CA ASN A 60 -6.40 19.13 0.65
C ASN A 60 -6.19 20.63 0.62
N THR A 61 -4.92 21.06 0.62
CA THR A 61 -4.57 22.45 0.80
C THR A 61 -4.67 23.23 -0.51
N GLU A 62 -4.95 22.53 -1.61
CA GLU A 62 -5.13 23.20 -2.88
C GLU A 62 -6.63 23.40 -3.08
N THR A 63 -7.44 22.44 -2.63
CA THR A 63 -8.87 22.41 -2.93
C THR A 63 -9.74 22.81 -1.73
N THR A 64 -9.19 22.86 -0.51
CA THR A 64 -9.97 23.24 0.66
C THR A 64 -10.79 22.06 1.20
N LYS A 65 -10.93 21.00 0.39
CA LYS A 65 -11.79 19.86 0.70
C LYS A 65 -11.29 19.14 1.95
N VAL A 66 -12.24 18.63 2.73
CA VAL A 66 -11.92 18.02 4.00
C VAL A 66 -12.60 16.65 4.08
N ASN A 67 -11.79 15.58 3.98
CA ASN A 67 -12.32 14.23 4.08
C ASN A 67 -12.08 13.70 5.47
N GLY A 68 -12.87 12.67 5.79
CA GLY A 68 -12.89 12.09 7.11
C GLY A 68 -13.36 10.64 7.04
N SER A 69 -12.83 9.82 7.95
CA SER A 69 -13.09 8.40 7.88
C SER A 69 -12.84 7.77 9.23
N LEU A 70 -13.63 6.72 9.50
CA LEU A 70 -13.56 5.97 10.73
C LEU A 70 -13.68 4.48 10.43
N GLU A 71 -12.81 3.71 11.09
CA GLU A 71 -12.78 2.26 10.99
C GLU A 71 -12.85 1.71 12.41
N THR A 72 -13.57 0.58 12.51
CA THR A 72 -13.77 -0.13 13.76
C THR A 72 -13.52 -1.62 13.52
N LYS A 73 -12.84 -2.25 14.45
CA LYS A 73 -12.31 -3.56 14.20
C LYS A 73 -12.35 -4.34 15.51
N TYR A 74 -13.14 -5.42 15.53
CA TYR A 74 -13.04 -6.40 16.60
C TYR A 74 -12.25 -7.62 16.10
N ARG A 75 -11.30 -8.09 16.93
CA ARG A 75 -10.58 -9.33 16.66
C ARG A 75 -10.95 -10.39 17.70
N TRP A 76 -11.80 -11.36 17.33
CA TRP A 76 -11.89 -12.63 18.05
C TRP A 76 -10.65 -13.46 17.75
N THR A 77 -9.51 -13.17 18.39
CA THR A 77 -8.27 -13.86 18.06
C THR A 77 -8.34 -15.35 18.35
N GLU A 78 -9.37 -15.80 19.08
CA GLU A 78 -9.54 -17.22 19.39
C GLU A 78 -9.96 -18.03 18.16
N TYR A 79 -10.81 -17.46 17.30
CA TYR A 79 -11.36 -18.19 16.17
C TYR A 79 -10.86 -17.58 14.85
N GLY A 80 -9.74 -16.85 14.91
CA GLY A 80 -9.13 -16.22 13.75
C GLY A 80 -10.05 -15.23 13.05
N LEU A 81 -10.95 -14.60 13.81
CA LEU A 81 -11.92 -13.69 13.21
C LEU A 81 -11.48 -12.25 13.39
N THR A 82 -11.95 -11.43 12.45
CA THR A 82 -11.79 -9.99 12.45
C THR A 82 -13.01 -9.38 11.78
N PHE A 83 -13.75 -8.57 12.53
CA PHE A 83 -14.86 -7.85 11.94
C PHE A 83 -14.46 -6.39 11.97
N THR A 84 -14.76 -5.72 10.86
CA THR A 84 -14.29 -4.39 10.61
C THR A 84 -15.44 -3.61 9.98
N GLU A 85 -15.71 -2.42 10.51
CA GLU A 85 -16.68 -1.53 9.92
C GLU A 85 -15.94 -0.32 9.39
N LYS A 86 -16.46 0.24 8.30
CA LYS A 86 -15.82 1.38 7.65
C LYS A 86 -16.89 2.42 7.40
N TRP A 87 -16.57 3.69 7.67
N TRP A 87 -16.49 3.68 7.60
CA TRP A 87 -17.39 4.80 7.24
CA TRP A 87 -17.33 4.86 7.43
C TRP A 87 -16.49 5.97 6.90
C TRP A 87 -16.44 5.98 6.90
N ASN A 88 -16.93 6.77 5.93
CA ASN A 88 -16.28 8.03 5.61
C ASN A 88 -17.35 9.10 5.36
N THR A 89 -16.88 10.27 4.91
CA THR A 89 -17.70 11.46 4.75
C THR A 89 -18.49 11.42 3.43
N ASP A 90 -17.98 10.62 2.46
CA ASP A 90 -18.68 10.39 1.22
C ASP A 90 -19.95 9.57 1.47
N ASN A 91 -20.18 9.19 2.73
CA ASN A 91 -21.35 8.46 3.20
C ASN A 91 -21.17 6.95 3.01
N THR A 92 -20.16 6.57 2.23
CA THR A 92 -19.85 5.17 1.97
C THR A 92 -19.74 4.41 3.28
N LEU A 93 -20.48 3.30 3.39
CA LEU A 93 -20.42 2.43 4.54
C LEU A 93 -19.75 1.13 4.13
N GLY A 94 -19.15 0.42 5.08
CA GLY A 94 -18.47 -0.81 4.73
C GLY A 94 -18.37 -1.77 5.90
N THR A 95 -18.49 -3.06 5.59
CA THR A 95 -18.18 -4.13 6.54
C THR A 95 -17.26 -5.16 5.89
N GLU A 96 -16.53 -5.88 6.73
CA GLU A 96 -15.51 -6.80 6.29
C GLU A 96 -15.35 -7.88 7.35
N ILE A 97 -15.65 -9.13 7.00
CA ILE A 97 -15.36 -10.22 7.90
C ILE A 97 -14.20 -11.01 7.35
N THR A 98 -13.37 -11.54 8.24
CA THR A 98 -12.14 -12.20 7.87
C THR A 98 -11.95 -13.40 8.78
N VAL A 99 -11.67 -14.55 8.16
CA VAL A 99 -11.25 -15.74 8.87
C VAL A 99 -9.87 -16.15 8.38
N GLU A 100 -8.99 -16.47 9.31
CA GLU A 100 -7.62 -16.76 8.95
C GLU A 100 -7.14 -17.98 9.73
N ASP A 101 -6.53 -18.94 9.01
CA ASP A 101 -5.91 -20.10 9.61
C ASP A 101 -6.95 -20.99 10.28
N GLN A 102 -8.20 -20.98 9.81
CA GLN A 102 -9.23 -21.54 10.63
C GLN A 102 -9.55 -22.96 10.20
N LEU A 103 -9.92 -23.14 8.93
CA LEU A 103 -10.17 -24.49 8.47
C LEU A 103 -8.83 -25.14 8.14
N ALA A 104 -7.88 -24.35 7.65
CA ALA A 104 -6.51 -24.82 7.48
C ALA A 104 -5.54 -23.66 7.64
N ARG A 105 -4.45 -23.89 8.37
CA ARG A 105 -3.31 -23.00 8.30
C ARG A 105 -2.76 -23.07 6.87
N GLY A 106 -2.26 -21.98 6.27
CA GLY A 106 -2.71 -20.60 6.39
C GLY A 106 -3.64 -20.26 5.23
N LEU A 107 -4.88 -20.73 5.37
CA LEU A 107 -5.98 -20.28 4.55
C LEU A 107 -6.53 -18.96 5.09
N LYS A 108 -7.19 -18.18 4.20
CA LYS A 108 -7.74 -16.88 4.54
C LYS A 108 -8.92 -16.56 3.63
N LEU A 109 -10.11 -16.36 4.25
CA LEU A 109 -11.30 -15.95 3.52
C LEU A 109 -11.75 -14.58 4.03
N THR A 110 -12.40 -13.83 3.14
CA THR A 110 -12.83 -12.49 3.45
C THR A 110 -14.08 -12.17 2.65
N PHE A 111 -15.20 -11.94 3.34
CA PHE A 111 -16.35 -11.26 2.77
C PHE A 111 -16.24 -9.76 3.09
N ASP A 112 -16.85 -8.95 2.21
CA ASP A 112 -16.66 -7.52 2.18
C ASP A 112 -17.85 -6.88 1.48
N SER A 113 -18.57 -5.99 2.18
CA SER A 113 -19.73 -5.30 1.64
C SER A 113 -19.46 -3.81 1.59
N SER A 114 -20.11 -3.14 0.64
CA SER A 114 -20.11 -1.69 0.58
C SER A 114 -21.50 -1.19 0.15
N PHE A 115 -21.95 -0.11 0.78
CA PHE A 115 -23.21 0.54 0.47
C PHE A 115 -22.98 2.05 0.47
N SER A 116 -23.23 2.69 -0.67
CA SER A 116 -23.31 4.14 -0.68
C SER A 116 -24.78 4.54 -0.77
N PRO A 117 -25.42 4.97 0.34
CA PRO A 117 -26.57 5.87 0.26
C PRO A 117 -26.41 7.01 -0.75
N ASN A 118 -25.18 7.48 -0.98
CA ASN A 118 -24.91 8.57 -1.93
C ASN A 118 -25.06 8.14 -3.39
N THR A 119 -25.39 6.87 -3.66
CA THR A 119 -25.87 6.49 -4.98
C THR A 119 -26.88 5.35 -4.89
N GLY A 120 -27.06 4.77 -3.70
CA GLY A 120 -27.74 3.49 -3.52
C GLY A 120 -27.02 2.30 -4.15
N LYS A 121 -25.78 2.49 -4.65
CA LYS A 121 -25.04 1.41 -5.29
C LYS A 121 -24.37 0.59 -4.20
N LYS A 122 -24.38 -0.73 -4.40
CA LYS A 122 -23.70 -1.56 -3.43
C LYS A 122 -22.62 -2.35 -4.16
N ASN A 123 -21.75 -2.98 -3.38
CA ASN A 123 -20.67 -3.77 -3.91
C ASN A 123 -20.30 -4.83 -2.86
N ALA A 124 -19.96 -6.03 -3.35
CA ALA A 124 -19.57 -7.15 -2.49
C ALA A 124 -18.40 -7.92 -3.12
N LYS A 125 -17.61 -8.51 -2.24
CA LYS A 125 -16.30 -9.00 -2.63
C LYS A 125 -15.93 -10.19 -1.78
N ILE A 126 -15.45 -11.25 -2.43
CA ILE A 126 -14.80 -12.32 -1.71
C ILE A 126 -13.33 -12.36 -2.10
N LYS A 127 -12.49 -12.56 -1.09
CA LYS A 127 -11.07 -12.66 -1.27
C LYS A 127 -10.60 -13.92 -0.55
N THR A 128 -9.99 -14.80 -1.33
CA THR A 128 -9.45 -16.04 -0.82
C THR A 128 -7.96 -15.99 -1.06
N GLY A 129 -7.24 -16.67 -0.19
CA GLY A 129 -5.81 -16.75 -0.29
C GLY A 129 -5.33 -17.96 0.46
N TYR A 130 -4.35 -18.67 -0.12
CA TYR A 130 -3.77 -19.84 0.52
C TYR A 130 -2.27 -19.65 0.42
N LYS A 131 -1.59 -20.10 1.48
CA LYS A 131 -0.22 -19.73 1.74
C LYS A 131 0.47 -20.88 2.45
N ARG A 132 1.64 -21.25 1.95
CA ARG A 132 2.54 -22.16 2.63
C ARG A 132 3.92 -21.99 2.01
N GLU A 133 4.89 -22.68 2.61
CA GLU A 133 6.24 -22.81 2.10
C GLU A 133 6.25 -22.81 0.58
N HIS A 134 6.99 -21.84 0.02
CA HIS A 134 7.18 -21.63 -1.41
C HIS A 134 5.95 -21.08 -2.15
N ILE A 135 4.74 -21.22 -1.61
CA ILE A 135 3.57 -20.89 -2.42
C ILE A 135 2.75 -19.80 -1.75
N ASN A 136 2.13 -18.98 -2.60
CA ASN A 136 1.23 -17.93 -2.16
C ASN A 136 0.23 -17.64 -3.28
N LEU A 137 -1.00 -18.08 -3.04
CA LEU A 137 -2.06 -18.12 -4.03
C LEU A 137 -3.21 -17.27 -3.54
N GLY A 138 -3.87 -16.60 -4.47
CA GLY A 138 -5.09 -15.91 -4.13
C GLY A 138 -6.06 -15.87 -5.28
N CYS A 139 -7.35 -15.93 -4.92
CA CYS A 139 -8.44 -15.68 -5.83
C CYS A 139 -9.40 -14.68 -5.19
N ASP A 140 -9.76 -13.65 -5.97
CA ASP A 140 -10.56 -12.53 -5.49
C ASP A 140 -11.71 -12.34 -6.47
N VAL A 141 -12.96 -12.31 -5.96
CA VAL A 141 -14.12 -12.12 -6.79
C VAL A 141 -14.81 -10.82 -6.39
N ASP A 142 -15.16 -10.06 -7.42
CA ASP A 142 -15.82 -8.78 -7.27
C ASP A 142 -17.17 -8.94 -7.92
N PHE A 143 -18.20 -9.05 -7.08
CA PHE A 143 -19.58 -8.96 -7.49
C PHE A 143 -19.91 -7.47 -7.60
N ASP A 144 -19.32 -6.86 -8.61
CA ASP A 144 -19.72 -5.56 -9.06
C ASP A 144 -20.97 -5.86 -9.89
N ILE A 145 -21.68 -4.83 -10.33
CA ILE A 145 -22.75 -5.04 -11.30
C ILE A 145 -22.28 -4.36 -12.59
N ALA A 146 -21.91 -5.20 -13.56
CA ALA A 146 -20.89 -4.94 -14.59
C ALA A 146 -19.65 -5.79 -14.28
N GLY A 147 -19.57 -6.31 -13.05
CA GLY A 147 -18.86 -7.55 -12.78
C GLY A 147 -19.80 -8.73 -13.00
N PRO A 148 -19.55 -9.89 -12.38
CA PRO A 148 -18.33 -10.10 -11.62
C PRO A 148 -17.06 -9.85 -12.42
N SER A 149 -15.96 -9.92 -11.69
CA SER A 149 -14.67 -10.03 -12.30
C SER A 149 -13.82 -10.80 -11.29
N ILE A 150 -12.80 -11.49 -11.77
CA ILE A 150 -12.05 -12.41 -10.92
C ILE A 150 -10.56 -12.10 -11.10
N ARG A 151 -9.90 -11.80 -10.00
CA ARG A 151 -8.47 -11.63 -9.96
C ARG A 151 -7.87 -12.89 -9.33
N GLY A 152 -6.96 -13.54 -10.06
CA GLY A 152 -6.15 -14.59 -9.51
C GLY A 152 -4.67 -14.22 -9.54
N ALA A 153 -3.93 -14.82 -8.59
CA ALA A 153 -2.53 -14.50 -8.36
C ALA A 153 -1.82 -15.67 -7.70
N LEU A 154 -0.59 -15.89 -8.17
CA LEU A 154 0.25 -16.97 -7.70
C LEU A 154 1.70 -16.49 -7.65
N VAL A 155 2.39 -16.84 -6.57
CA VAL A 155 3.82 -16.62 -6.50
C VAL A 155 4.50 -17.84 -5.90
N LEU A 156 5.63 -18.19 -6.55
CA LEU A 156 6.43 -19.32 -6.18
C LEU A 156 7.76 -18.82 -5.65
N GLY A 157 8.27 -19.51 -4.64
CA GLY A 157 9.55 -19.19 -4.07
C GLY A 157 10.52 -20.38 -4.15
N TYR A 158 11.77 -20.05 -4.47
CA TYR A 158 12.87 -20.99 -4.66
C TYR A 158 14.14 -20.32 -4.13
N GLU A 159 14.60 -20.73 -2.95
CA GLU A 159 15.82 -20.22 -2.35
C GLU A 159 16.07 -18.72 -2.64
N GLY A 160 15.23 -17.83 -2.12
CA GLY A 160 15.44 -16.40 -2.36
C GLY A 160 14.81 -15.90 -3.66
N TRP A 161 14.73 -16.72 -4.70
CA TRP A 161 14.04 -16.26 -5.88
C TRP A 161 12.54 -16.26 -5.66
N LEU A 162 11.85 -15.48 -6.49
CA LEU A 162 10.42 -15.37 -6.49
C LEU A 162 9.95 -15.20 -7.93
N ALA A 163 8.85 -15.86 -8.28
CA ALA A 163 8.25 -15.61 -9.57
C ALA A 163 6.76 -15.62 -9.35
N GLY A 164 6.03 -14.82 -10.13
CA GLY A 164 4.60 -14.79 -9.97
C GLY A 164 3.86 -14.27 -11.19
N TYR A 165 2.57 -14.60 -11.20
CA TYR A 165 1.62 -14.17 -12.19
C TYR A 165 0.37 -13.67 -11.47
N GLN A 166 -0.35 -12.79 -12.17
CA GLN A 166 -1.57 -12.14 -11.71
C GLN A 166 -2.45 -11.81 -12.91
N MET A 167 -3.68 -12.31 -12.93
CA MET A 167 -4.60 -11.96 -14.01
C MET A 167 -5.94 -11.53 -13.42
N ASN A 168 -6.72 -10.83 -14.25
CA ASN A 168 -8.06 -10.39 -13.94
C ASN A 168 -8.96 -10.70 -15.12
N PHE A 169 -10.12 -11.33 -14.87
CA PHE A 169 -11.09 -11.68 -15.90
C PHE A 169 -12.44 -11.03 -15.61
N GLU A 170 -12.89 -10.18 -16.55
CA GLU A 170 -14.14 -9.46 -16.42
C GLU A 170 -15.20 -10.18 -17.23
N THR A 171 -16.24 -10.66 -16.52
CA THR A 171 -17.23 -11.55 -17.12
C THR A 171 -18.16 -10.81 -18.09
N SER A 172 -18.27 -9.48 -17.97
CA SER A 172 -19.13 -8.70 -18.84
C SER A 172 -18.61 -8.66 -20.28
N LYS A 173 -17.30 -8.41 -20.44
CA LYS A 173 -16.63 -8.48 -21.73
C LYS A 173 -16.14 -9.92 -21.96
N SER A 174 -16.12 -10.72 -20.89
CA SER A 174 -15.69 -12.10 -20.93
C SER A 174 -14.28 -12.19 -21.51
N ARG A 175 -13.36 -11.42 -20.90
CA ARG A 175 -11.99 -11.35 -21.34
C ARG A 175 -11.05 -11.11 -20.17
N VAL A 176 -9.81 -11.59 -20.32
CA VAL A 176 -8.70 -11.15 -19.49
C VAL A 176 -8.39 -9.70 -19.88
N THR A 177 -8.33 -8.84 -18.87
CA THR A 177 -8.13 -7.41 -19.04
C THR A 177 -6.79 -7.00 -18.42
N GLN A 178 -6.08 -7.97 -17.85
CA GLN A 178 -4.89 -7.67 -17.08
C GLN A 178 -4.05 -8.94 -16.92
N SER A 179 -2.81 -8.91 -17.43
CA SER A 179 -1.90 -10.05 -17.31
C SER A 179 -0.50 -9.59 -16.91
N ASN A 180 -0.08 -9.97 -15.69
CA ASN A 180 1.09 -9.35 -15.08
C ASN A 180 2.05 -10.42 -14.56
N PHE A 181 3.31 -10.29 -14.97
CA PHE A 181 4.38 -11.16 -14.48
C PHE A 181 5.32 -10.34 -13.63
N ALA A 182 5.96 -11.04 -12.70
CA ALA A 182 7.01 -10.43 -11.90
C ALA A 182 8.02 -11.50 -11.50
N VAL A 183 9.30 -11.13 -11.53
CA VAL A 183 10.31 -11.99 -10.97
C VAL A 183 11.28 -11.14 -10.15
N GLY A 184 11.85 -11.75 -9.10
CA GLY A 184 12.72 -11.05 -8.18
C GLY A 184 13.40 -11.95 -7.15
N TYR A 185 14.31 -11.32 -6.41
CA TYR A 185 15.17 -11.96 -5.43
C TYR A 185 15.04 -11.16 -4.13
N LYS A 186 14.84 -11.87 -3.01
CA LYS A 186 14.46 -11.22 -1.77
C LYS A 186 15.16 -11.86 -0.58
N THR A 187 16.10 -11.11 -0.01
CA THR A 187 16.61 -11.40 1.32
C THR A 187 16.12 -10.31 2.27
N ASP A 188 16.67 -10.30 3.49
CA ASP A 188 16.17 -9.41 4.54
C ASP A 188 16.78 -8.01 4.44
N GLU A 189 17.98 -7.94 3.84
CA GLU A 189 18.69 -6.70 3.63
C GLU A 189 18.53 -6.20 2.19
N PHE A 190 18.00 -7.03 1.29
CA PHE A 190 18.21 -6.75 -0.12
C PHE A 190 17.03 -7.30 -0.93
N GLN A 191 16.63 -6.57 -1.97
CA GLN A 191 15.44 -6.92 -2.71
C GLN A 191 15.50 -6.39 -4.13
N LEU A 192 15.37 -7.32 -5.08
CA LEU A 192 15.20 -6.99 -6.48
C LEU A 192 13.80 -7.42 -6.87
N HIS A 193 13.15 -6.61 -7.68
CA HIS A 193 11.79 -6.86 -8.11
C HIS A 193 11.69 -6.30 -9.51
N THR A 194 11.08 -7.06 -10.40
CA THR A 194 10.83 -6.59 -11.74
C THR A 194 9.46 -7.10 -12.15
N ASN A 195 8.88 -6.44 -13.16
CA ASN A 195 7.52 -6.77 -13.51
C ASN A 195 7.18 -6.06 -14.80
N VAL A 196 6.28 -6.70 -15.54
CA VAL A 196 5.73 -6.12 -16.76
C VAL A 196 4.23 -6.40 -16.74
N ASN A 197 3.49 -5.35 -17.10
CA ASN A 197 2.05 -5.40 -17.05
C ASN A 197 1.52 -5.31 -18.48
N ASP A 198 0.79 -6.36 -18.88
CA ASP A 198 0.03 -6.37 -20.11
C ASP A 198 1.01 -6.39 -21.28
N GLY A 199 2.09 -7.14 -21.07
CA GLY A 199 3.30 -7.10 -21.90
C GLY A 199 3.68 -5.70 -22.37
N THR A 200 3.51 -4.67 -21.52
CA THR A 200 3.55 -3.28 -21.98
C THR A 200 4.27 -2.33 -21.02
N GLU A 201 4.14 -2.55 -19.71
CA GLU A 201 4.72 -1.65 -18.75
C GLU A 201 5.86 -2.37 -18.03
N PHE A 202 7.05 -1.78 -18.10
CA PHE A 202 8.19 -2.39 -17.46
C PHE A 202 8.45 -1.56 -16.20
N GLY A 203 8.78 -2.28 -15.13
CA GLY A 203 9.22 -1.65 -13.91
C GLY A 203 10.21 -2.55 -13.22
N GLY A 204 11.08 -1.94 -12.40
CA GLY A 204 11.97 -2.73 -11.57
C GLY A 204 12.45 -1.88 -10.41
N SER A 205 12.92 -2.54 -9.35
CA SER A 205 13.23 -1.83 -8.12
C SER A 205 14.27 -2.63 -7.36
N ILE A 206 15.14 -1.88 -6.70
CA ILE A 206 16.09 -2.45 -5.78
C ILE A 206 15.90 -1.82 -4.43
N TYR A 207 15.90 -2.63 -3.39
CA TYR A 207 15.77 -2.15 -2.05
C TYR A 207 16.95 -2.71 -1.26
N GLN A 208 17.57 -1.84 -0.46
CA GLN A 208 18.77 -2.20 0.28
C GLN A 208 18.61 -1.67 1.69
N LYS A 209 18.63 -2.57 2.68
CA LYS A 209 18.74 -2.18 4.07
C LYS A 209 20.21 -2.13 4.39
N VAL A 210 20.79 -0.95 4.10
CA VAL A 210 22.22 -0.71 4.05
C VAL A 210 22.86 -0.83 5.43
N ASN A 211 22.16 -0.38 6.46
CA ASN A 211 22.56 -0.67 7.83
C ASN A 211 21.34 -0.44 8.69
N LYS A 212 21.51 -0.41 10.01
CA LYS A 212 20.36 -0.39 10.89
C LYS A 212 19.52 0.84 10.59
N LYS A 213 20.20 1.97 10.32
CA LYS A 213 19.57 3.28 10.27
C LYS A 213 19.26 3.74 8.83
N LEU A 214 19.73 3.04 7.81
CA LEU A 214 19.58 3.57 6.45
C LEU A 214 18.93 2.53 5.54
N GLU A 215 17.97 2.99 4.76
CA GLU A 215 17.32 2.21 3.73
C GLU A 215 17.45 3.00 2.45
N THR A 216 17.58 2.32 1.31
CA THR A 216 17.65 3.01 0.03
C THR A 216 16.80 2.28 -0.98
N ALA A 217 16.45 3.00 -2.04
CA ALA A 217 15.59 2.41 -3.03
C ALA A 217 15.84 3.09 -4.37
N VAL A 218 15.87 2.27 -5.41
CA VAL A 218 15.90 2.74 -6.78
C VAL A 218 14.70 2.13 -7.51
N ASN A 219 14.07 2.95 -8.34
CA ASN A 219 12.91 2.53 -9.07
C ASN A 219 13.06 2.93 -10.52
N LEU A 220 12.83 1.97 -11.43
CA LEU A 220 12.85 2.17 -12.86
C LEU A 220 11.52 1.77 -13.45
N ALA A 221 11.19 2.43 -14.56
CA ALA A 221 9.93 2.18 -15.24
C ALA A 221 9.98 2.85 -16.60
N TRP A 222 9.40 2.13 -17.58
CA TRP A 222 9.39 2.54 -18.98
C TRP A 222 8.29 1.73 -19.66
N THR A 223 8.11 2.02 -20.95
CA THR A 223 6.93 1.57 -21.68
C THR A 223 7.34 1.17 -23.09
N ALA A 224 6.93 -0.04 -23.51
CA ALA A 224 7.01 -0.43 -24.91
C ALA A 224 5.81 0.17 -25.62
N GLY A 225 5.99 0.89 -26.74
CA GLY A 225 7.27 1.16 -27.38
C GLY A 225 7.55 2.66 -27.37
N ASN A 226 8.13 3.11 -26.26
CA ASN A 226 8.52 4.48 -26.07
C ASN A 226 9.94 4.45 -25.52
N SER A 227 10.83 5.25 -26.14
CA SER A 227 12.24 5.17 -25.80
C SER A 227 12.56 5.81 -24.44
N ASN A 228 11.61 6.57 -23.82
CA ASN A 228 11.84 7.20 -22.53
C ASN A 228 11.91 6.22 -21.38
N THR A 229 12.60 6.66 -20.33
CA THR A 229 12.78 5.92 -19.10
C THR A 229 12.56 6.86 -17.92
N ARG A 230 11.84 6.38 -16.90
CA ARG A 230 11.64 7.10 -15.67
C ARG A 230 12.46 6.40 -14.58
N PHE A 231 13.00 7.21 -13.64
CA PHE A 231 13.65 6.63 -12.48
C PHE A 231 13.56 7.58 -11.30
N GLY A 232 13.64 7.00 -10.09
CA GLY A 232 13.83 7.72 -8.86
C GLY A 232 14.78 6.99 -7.92
N ILE A 233 15.53 7.78 -7.14
CA ILE A 233 16.34 7.32 -6.02
C ILE A 233 15.62 7.81 -4.80
N ALA A 234 15.73 7.09 -3.70
CA ALA A 234 15.03 7.45 -2.48
C ALA A 234 15.71 6.78 -1.29
N ALA A 235 15.48 7.35 -0.13
CA ALA A 235 16.14 6.86 1.06
C ALA A 235 15.32 7.25 2.27
N LYS A 236 15.73 6.66 3.39
CA LYS A 236 15.09 6.92 4.67
C LYS A 236 16.16 6.64 5.73
N TYR A 237 16.44 7.66 6.53
CA TYR A 237 17.46 7.59 7.55
C TYR A 237 16.80 7.74 8.91
N GLN A 238 17.12 6.82 9.82
CA GLN A 238 16.51 6.79 11.15
C GLN A 238 17.49 7.37 12.15
N VAL A 239 17.44 8.71 12.33
CA VAL A 239 18.48 9.51 12.95
C VAL A 239 18.67 9.13 14.42
N ASP A 240 17.65 9.30 15.25
CA ASP A 240 17.55 8.64 16.55
C ASP A 240 16.21 7.88 16.54
N PRO A 241 15.73 7.30 17.67
CA PRO A 241 14.50 6.51 17.67
C PRO A 241 13.24 7.37 17.70
N ASP A 242 13.40 8.71 17.68
CA ASP A 242 12.28 9.65 17.73
C ASP A 242 12.24 10.57 16.52
N ALA A 243 13.19 10.38 15.59
CA ALA A 243 13.31 11.19 14.39
C ALA A 243 13.69 10.30 13.20
N CYS A 244 13.35 10.79 12.01
CA CYS A 244 13.41 10.01 10.79
C CYS A 244 13.33 10.96 9.60
N PHE A 245 14.33 10.91 8.71
CA PHE A 245 14.38 11.80 7.56
C PHE A 245 14.20 10.99 6.29
N SER A 246 13.64 11.61 5.23
CA SER A 246 13.36 10.94 3.98
C SER A 246 13.56 11.90 2.81
N ALA A 247 14.34 11.42 1.83
CA ALA A 247 14.65 12.22 0.68
C ALA A 247 14.49 11.34 -0.56
N LYS A 248 14.06 11.99 -1.65
CA LYS A 248 13.88 11.27 -2.89
C LYS A 248 13.94 12.22 -4.08
N VAL A 249 14.51 11.70 -5.16
CA VAL A 249 14.61 12.44 -6.41
C VAL A 249 14.09 11.55 -7.53
N ASN A 250 13.64 12.18 -8.62
CA ASN A 250 13.29 11.44 -9.80
C ASN A 250 13.77 12.24 -10.99
N ASN A 251 13.68 11.66 -12.19
CA ASN A 251 14.33 12.24 -13.34
C ASN A 251 13.32 13.16 -14.04
N SER A 252 12.22 13.47 -13.37
CA SER A 252 11.38 14.58 -13.76
C SER A 252 11.80 15.82 -12.96
N SER A 253 12.86 15.71 -12.18
CA SER A 253 13.41 16.85 -11.46
C SER A 253 12.61 17.18 -10.20
N LEU A 254 11.89 16.19 -9.67
CA LEU A 254 11.18 16.40 -8.42
C LEU A 254 12.03 15.93 -7.23
N ILE A 255 12.05 16.77 -6.19
CA ILE A 255 12.64 16.44 -4.90
C ILE A 255 11.52 16.19 -3.91
N GLY A 256 11.79 15.35 -2.91
CA GLY A 256 10.83 15.04 -1.89
C GLY A 256 11.56 14.94 -0.56
N LEU A 257 11.15 15.80 0.37
CA LEU A 257 11.75 15.88 1.67
C LEU A 257 10.65 15.60 2.68
N GLY A 258 11.05 14.93 3.76
CA GLY A 258 10.12 14.43 4.75
C GLY A 258 10.87 14.27 6.07
N TYR A 259 10.36 14.96 7.10
CA TYR A 259 10.88 14.79 8.44
C TYR A 259 9.72 14.39 9.35
N THR A 260 10.01 13.47 10.26
CA THR A 260 9.05 12.92 11.17
C THR A 260 9.68 12.85 12.56
N GLN A 261 8.99 13.47 13.51
CA GLN A 261 9.48 13.68 14.85
C GLN A 261 8.40 13.13 15.78
N THR A 262 8.83 12.36 16.79
CA THR A 262 8.00 12.06 17.96
C THR A 262 8.17 13.18 18.98
N LEU A 263 7.10 13.97 19.18
CA LEU A 263 7.06 15.08 20.13
C LEU A 263 6.96 14.51 21.55
N LYS A 264 5.98 13.62 21.74
CA LYS A 264 5.84 12.85 22.96
C LYS A 264 5.39 11.44 22.57
N PRO A 265 5.53 10.45 23.47
CA PRO A 265 4.98 9.12 23.24
C PRO A 265 3.56 9.19 22.68
N GLY A 266 3.35 8.52 21.53
CA GLY A 266 2.03 8.46 20.93
C GLY A 266 1.82 9.55 19.89
N ILE A 267 2.72 10.54 19.86
CA ILE A 267 2.44 11.68 19.03
C ILE A 267 3.62 11.93 18.08
N LYS A 268 3.36 11.77 16.79
CA LYS A 268 4.33 12.00 15.74
C LYS A 268 3.84 13.11 14.80
N LEU A 269 4.74 14.07 14.57
CA LEU A 269 4.50 15.13 13.61
C LEU A 269 5.39 14.88 12.40
N THR A 270 4.85 15.11 11.20
CA THR A 270 5.69 14.98 10.02
C THR A 270 5.39 16.15 9.09
N LEU A 271 6.46 16.90 8.82
CA LEU A 271 6.46 17.91 7.80
C LEU A 271 7.05 17.31 6.52
N SER A 272 6.59 17.79 5.37
CA SER A 272 7.15 17.35 4.11
C SER A 272 6.97 18.44 3.05
N ALA A 273 7.92 18.43 2.10
CA ALA A 273 7.99 19.34 0.99
C ALA A 273 8.30 18.58 -0.30
N LEU A 274 7.72 19.08 -1.41
CA LEU A 274 7.95 18.57 -2.73
C LEU A 274 8.32 19.71 -3.65
N LEU A 275 9.53 19.63 -4.25
CA LEU A 275 10.15 20.71 -4.99
C LEU A 275 10.30 20.31 -6.47
N ASP A 276 10.11 21.29 -7.37
CA ASP A 276 10.38 21.16 -8.80
C ASP A 276 11.62 21.96 -9.22
N GLY A 277 12.71 21.25 -9.55
CA GLY A 277 13.83 21.86 -10.27
C GLY A 277 13.40 22.35 -11.65
N LYS A 278 14.05 23.42 -12.17
CA LYS A 278 15.08 24.18 -11.48
C LYS A 278 14.48 25.46 -10.91
N ASN A 279 13.26 25.37 -10.35
CA ASN A 279 12.52 26.50 -9.82
C ASN A 279 12.41 26.41 -8.29
N VAL A 280 13.55 26.43 -7.59
CA VAL A 280 13.63 26.08 -6.17
C VAL A 280 14.39 27.16 -5.39
N ASN A 281 13.77 27.86 -4.42
CA ASN A 281 12.35 28.19 -4.34
C ASN A 281 12.04 29.36 -5.25
N ALA A 282 11.58 29.07 -6.48
CA ALA A 282 11.27 30.10 -7.46
C ALA A 282 9.75 30.17 -7.66
N GLY A 283 9.14 29.07 -8.12
CA GLY A 283 7.69 28.94 -8.23
C GLY A 283 7.12 28.19 -7.01
N GLY A 284 5.81 27.87 -7.06
CA GLY A 284 5.07 27.34 -5.92
C GLY A 284 5.31 25.84 -5.69
N HIS A 285 5.33 25.43 -4.41
CA HIS A 285 5.87 24.13 -4.01
C HIS A 285 5.03 23.49 -2.90
N LYS A 286 4.54 22.27 -3.16
CA LYS A 286 3.71 21.55 -2.20
C LYS A 286 4.41 21.30 -0.85
N LEU A 287 3.69 21.62 0.21
CA LEU A 287 4.05 21.25 1.57
C LEU A 287 2.94 20.37 2.14
N GLY A 288 3.28 19.70 3.23
CA GLY A 288 2.32 18.86 3.90
C GLY A 288 2.69 18.71 5.37
N LEU A 289 1.64 18.41 6.15
CA LEU A 289 1.74 18.27 7.59
C LEU A 289 0.82 17.14 8.02
N GLY A 290 1.29 16.38 9.00
CA GLY A 290 0.58 15.19 9.42
C GLY A 290 0.89 14.89 10.88
N LEU A 291 -0.18 14.49 11.58
CA LEU A 291 -0.12 14.37 13.01
C LEU A 291 -0.85 13.10 13.36
N GLU A 292 -0.12 12.26 14.10
CA GLU A 292 -0.56 10.91 14.35
C GLU A 292 -0.59 10.72 15.84
N PHE A 293 -1.75 10.27 16.29
CA PHE A 293 -1.98 10.09 17.68
C PHE A 293 -2.25 8.61 17.89
N GLN A 294 -1.37 7.97 18.68
CA GLN A 294 -1.55 6.57 19.03
C GLN A 294 -1.90 6.48 20.52
N ALA A 295 -2.99 5.75 20.81
CA ALA A 295 -3.50 5.53 22.14
C ALA A 295 -3.88 4.06 22.32
C1 MPD B . 8.89 13.12 -6.99
C2 MPD B . 9.43 11.85 -6.37
O2 MPD B . 8.52 11.61 -5.29
CM MPD B . 10.84 12.06 -5.83
C3 MPD B . 9.35 10.69 -7.37
C4 MPD B . 9.45 9.30 -6.82
O4 MPD B . 8.21 8.94 -6.18
C5 MPD B . 9.83 8.28 -7.88
O1 PX4 C . 10.50 -2.26 -27.57
O2 PX4 C . 12.44 -3.87 -28.31
P1 PX4 C . 11.25 -3.56 -27.43
O4 PX4 C . 11.79 -3.61 -25.92
C6 PX4 C . 10.87 -3.43 -24.84
C7 PX4 C . 10.52 -4.78 -24.25
C8 PX4 C . 10.41 -5.85 -25.32
O7 PX4 C . 11.41 -5.27 -23.19
C23 PX4 C . 12.46 -4.56 -22.71
O8 PX4 C . 13.06 -3.69 -23.28
C24 PX4 C . 12.82 -5.08 -21.33
C25 PX4 C . 14.11 -5.85 -21.25
C26 PX4 C . 14.37 -6.48 -19.87
C27 PX4 C . 15.39 -5.75 -19.03
C28 PX4 C . 15.66 -6.26 -17.61
C29 PX4 C . 15.91 -5.10 -16.65
C30 PX4 C . 16.22 -5.42 -15.20
C31 PX4 C . 15.50 -4.50 -14.24
C32 PX4 C . 16.09 -4.42 -12.83
C33 PX4 C . 15.95 -3.05 -12.18
C34 PX4 C . 16.49 -2.93 -10.76
C35 PX4 C . 17.11 -1.58 -10.42
#